data_7P4E
#
_entry.id   7P4E
#
_cell.length_a   63.013
_cell.length_b   63.013
_cell.length_c   167.621
_cell.angle_alpha   90.000
_cell.angle_beta   90.000
_cell.angle_gamma   90.000
#
_symmetry.space_group_name_H-M   'P 41 21 2'
#
loop_
_entity.id
_entity.type
_entity.pdbx_description
1 polymer 'Peroxisome proliferator-activated receptor gamma'
2 non-polymer ~{N}-[[4-(cyclopropylsulfonylamino)-2-(trifluoromethyl)phenyl]methyl]-1-[(3-fluorophenyl)methyl]indole-5-carboxamide
3 non-polymer 'SULFATE ION'
4 non-polymer 1,2-ETHANEDIOL
5 water water
#
_entity_poly.entity_id   1
_entity_poly.type   'polypeptide(L)'
_entity_poly.pdbx_seq_one_letter_code
;SMQLNPESADLRALAKHLYDSYIKSFPLTKAKARAILTGKTTDKSPFVIYDMNSLMMGEDKIKFKHITPLQEQSKEVAIR
IFQGCQFRSVEAVQEITEYAKSIPGFVNLDLNDQVTLLKYGVHEIIYTMLASLMNKDGVLISEGQGFMTREFLKSLRKPF
GDFMEPKFEFAVKFNALELDDSDLAIFIAVIILSGDRPGLLNVKPIEDIQDNLLQALELQLKLNHPESSQLFAKLLQKMT
DLRQIVTEHVQLLQVIKKTETDMSLHPLLQEIYKDLY
;
_entity_poly.pdbx_strand_id   A
#
loop_
_chem_comp.id
_chem_comp.type
_chem_comp.name
_chem_comp.formula
5IV non-polymer ~{N}-[[4-(cyclopropylsulfonylamino)-2-(trifluoromethyl)phenyl]methyl]-1-[(3-fluorophenyl)methyl]indole-5-carboxamide 'C27 H23 F4 N3 O3 S'
EDO non-polymer 1,2-ETHANEDIOL 'C2 H6 O2'
SO4 non-polymer 'SULFATE ION' 'O4 S -2'
#
# COMPACT_ATOMS: atom_id res chain seq x y z
N SER A 1 -16.67 18.16 -10.39
CA SER A 1 -16.68 17.97 -11.86
C SER A 1 -17.49 19.09 -12.53
N MET A 2 -18.29 19.82 -11.75
CA MET A 2 -19.42 20.65 -12.25
C MET A 2 -19.02 21.34 -13.57
N GLN A 3 -17.78 21.84 -13.68
CA GLN A 3 -17.31 22.71 -14.84
C GLN A 3 -16.10 22.06 -15.54
N LEU A 4 -16.04 22.19 -16.87
CA LEU A 4 -14.84 21.87 -17.68
C LEU A 4 -14.10 23.15 -18.01
N ASN A 5 -12.98 23.42 -17.32
CA ASN A 5 -12.24 24.69 -17.40
C ASN A 5 -10.76 24.42 -17.12
N PRO A 6 -9.89 25.46 -17.16
CA PRO A 6 -8.45 25.26 -17.04
C PRO A 6 -8.04 24.58 -15.73
N GLU A 7 -8.74 24.89 -14.64
CA GLU A 7 -8.44 24.37 -13.29
C GLU A 7 -8.71 22.85 -13.27
N SER A 8 -9.86 22.44 -13.80
CA SER A 8 -10.28 21.02 -13.82
C SER A 8 -9.38 20.24 -14.78
N ALA A 9 -8.84 20.88 -15.81
CA ALA A 9 -7.97 20.22 -16.81
C ALA A 9 -6.58 19.99 -16.21
N ASP A 10 -6.08 20.93 -15.42
CA ASP A 10 -4.82 20.77 -14.65
C ASP A 10 -4.95 19.57 -13.69
N LEU A 11 -6.08 19.46 -13.00
CA LEU A 11 -6.33 18.39 -12.01
C LEU A 11 -6.35 17.02 -12.73
N ARG A 12 -6.86 16.96 -13.96
CA ARG A 12 -6.86 15.73 -14.81
C ARG A 12 -5.44 15.42 -15.30
N ALA A 13 -4.64 16.44 -15.59
CA ALA A 13 -3.24 16.28 -16.09
C ALA A 13 -2.40 15.75 -14.95
N LEU A 14 -2.67 16.23 -13.73
CA LEU A 14 -1.96 15.78 -12.50
C LEU A 14 -2.31 14.31 -12.23
N ALA A 15 -3.58 13.91 -12.46
CA ALA A 15 -4.07 12.53 -12.24
C ALA A 15 -3.43 11.58 -13.27
N LYS A 16 -3.41 12.00 -14.53
CA LYS A 16 -2.73 11.27 -15.64
C LYS A 16 -1.26 11.10 -15.30
N HIS A 17 -0.60 12.17 -14.84
CA HIS A 17 0.85 12.18 -14.55
C HIS A 17 1.14 11.15 -13.46
N LEU A 18 0.33 11.16 -12.41
CA LEU A 18 0.47 10.26 -11.25
C LEU A 18 0.22 8.79 -11.68
N TYR A 19 -0.81 8.57 -12.46
CA TYR A 19 -1.15 7.24 -13.00
C TYR A 19 0.06 6.66 -13.75
N ASP A 20 0.61 7.41 -14.71
CA ASP A 20 1.71 6.96 -15.60
C ASP A 20 2.93 6.53 -14.76
N SER A 21 3.32 7.35 -13.78
CA SER A 21 4.51 7.10 -12.91
C SER A 21 4.21 5.93 -11.97
N TYR A 22 2.94 5.81 -11.54
CA TYR A 22 2.40 4.64 -10.79
C TYR A 22 2.69 3.38 -11.60
N ILE A 23 2.19 3.34 -12.82
CA ILE A 23 2.35 2.19 -13.77
C ILE A 23 3.85 1.87 -13.91
N LYS A 24 4.71 2.91 -14.01
CA LYS A 24 6.18 2.79 -14.17
C LYS A 24 6.80 2.23 -12.89
N SER A 25 6.31 2.66 -11.73
CA SER A 25 6.93 2.40 -10.42
C SER A 25 6.43 1.07 -9.83
N PHE A 26 5.24 0.62 -10.22
CA PHE A 26 4.57 -0.57 -9.65
C PHE A 26 4.28 -1.57 -10.75
N PRO A 27 5.14 -2.60 -10.92
CA PRO A 27 4.92 -3.65 -11.92
C PRO A 27 3.59 -4.40 -11.73
N LEU A 28 3.30 -4.83 -10.51
CA LEU A 28 2.07 -5.59 -10.24
C LEU A 28 0.98 -4.63 -9.74
N THR A 29 0.17 -4.17 -10.68
CA THR A 29 -0.98 -3.28 -10.47
C THR A 29 -2.15 -4.08 -9.94
N LYS A 30 -3.20 -3.40 -9.50
CA LYS A 30 -4.46 -4.02 -9.09
C LYS A 30 -5.10 -4.72 -10.28
N ALA A 31 -5.07 -4.10 -11.46
CA ALA A 31 -5.65 -4.67 -12.70
C ALA A 31 -4.96 -6.01 -13.01
N LYS A 32 -3.64 -6.05 -12.91
CA LYS A 32 -2.89 -7.32 -13.17
C LYS A 32 -3.18 -8.32 -12.06
N ALA A 33 -3.19 -7.88 -10.80
CA ALA A 33 -3.52 -8.72 -9.61
C ALA A 33 -4.91 -9.35 -9.78
N ARG A 34 -5.90 -8.54 -10.13
N ARG A 34 -5.92 -8.55 -10.10
CA ARG A 34 -7.32 -8.97 -10.26
CA ARG A 34 -7.32 -9.03 -10.22
C ARG A 34 -7.44 -9.99 -11.40
C ARG A 34 -7.41 -10.04 -11.36
N ALA A 35 -6.56 -9.88 -12.39
CA ALA A 35 -6.52 -10.79 -13.54
C ALA A 35 -5.93 -12.14 -13.11
N ILE A 36 -4.87 -12.12 -12.30
CA ILE A 36 -4.22 -13.34 -11.73
C ILE A 36 -5.21 -14.04 -10.78
N LEU A 37 -5.97 -13.28 -10.00
CA LEU A 37 -6.85 -13.83 -8.94
C LEU A 37 -8.12 -14.46 -9.56
N THR A 38 -8.37 -14.23 -10.85
CA THR A 38 -9.63 -14.61 -11.56
C THR A 38 -9.35 -15.68 -12.62
N GLY A 39 -8.06 -15.98 -12.86
CA GLY A 39 -7.59 -17.06 -13.76
C GLY A 39 -7.41 -16.58 -15.22
N LYS A 40 -7.66 -15.30 -15.49
CA LYS A 40 -7.80 -14.76 -16.87
C LYS A 40 -6.42 -14.50 -17.48
N THR A 41 -5.45 -14.14 -16.63
CA THR A 41 -4.08 -13.70 -17.00
C THR A 41 -3.43 -14.73 -17.95
N THR A 42 -2.43 -14.29 -18.71
CA THR A 42 -1.60 -15.13 -19.61
C THR A 42 -0.45 -15.77 -18.81
N ASP A 43 0.15 -14.99 -17.89
CA ASP A 43 1.21 -15.43 -16.95
C ASP A 43 0.79 -16.76 -16.31
N LYS A 44 1.70 -17.75 -16.31
CA LYS A 44 1.50 -19.10 -15.72
C LYS A 44 0.87 -18.95 -14.31
N SER A 45 -0.21 -19.72 -14.06
CA SER A 45 -1.05 -19.64 -12.84
C SER A 45 -0.18 -19.83 -11.60
N PRO A 46 -0.29 -18.94 -10.60
CA PRO A 46 0.56 -19.03 -9.42
C PRO A 46 0.25 -20.26 -8.53
N PHE A 47 1.33 -20.80 -7.90
CA PHE A 47 1.26 -21.96 -6.96
C PHE A 47 0.56 -21.50 -5.68
N VAL A 48 -0.30 -22.34 -5.14
CA VAL A 48 -1.15 -22.03 -3.99
C VAL A 48 -0.55 -22.68 -2.75
N ILE A 49 -0.06 -21.87 -1.80
CA ILE A 49 0.40 -22.33 -0.46
C ILE A 49 -0.78 -22.23 0.52
N TYR A 50 -1.29 -23.38 0.96
CA TYR A 50 -2.56 -23.51 1.74
C TYR A 50 -2.35 -24.40 2.96
N ASP A 51 -1.15 -24.99 3.12
CA ASP A 51 -0.77 -25.88 4.27
C ASP A 51 0.75 -26.10 4.27
N MET A 52 1.29 -26.73 5.33
CA MET A 52 2.74 -27.06 5.49
C MET A 52 3.25 -27.82 4.27
N ASN A 53 2.46 -28.76 3.77
CA ASN A 53 2.79 -29.62 2.60
C ASN A 53 3.09 -28.73 1.38
N SER A 54 2.16 -27.83 1.02
CA SER A 54 2.23 -27.03 -0.23
C SER A 54 3.34 -25.96 -0.11
N LEU A 55 3.62 -25.49 1.13
CA LEU A 55 4.70 -24.51 1.41
C LEU A 55 6.06 -25.13 1.05
N MET A 56 6.26 -26.41 1.37
CA MET A 56 7.54 -27.14 1.11
C MET A 56 7.79 -27.17 -0.40
N MET A 57 6.82 -27.68 -1.17
CA MET A 57 6.86 -27.73 -2.66
C MET A 57 7.06 -26.31 -3.21
N GLY A 58 6.60 -25.30 -2.48
CA GLY A 58 6.73 -23.87 -2.85
C GLY A 58 8.16 -23.38 -2.69
N GLU A 59 8.82 -23.75 -1.58
CA GLU A 59 10.21 -23.33 -1.23
C GLU A 59 11.20 -24.18 -2.03
N SER A 74 5.67 -25.12 12.88
CA SER A 74 7.13 -25.00 13.13
C SER A 74 7.55 -23.52 13.17
N LYS A 75 8.72 -23.24 13.73
CA LYS A 75 9.31 -21.89 13.85
C LYS A 75 10.02 -21.53 12.54
N GLU A 76 10.69 -22.51 11.91
CA GLU A 76 11.51 -22.33 10.69
C GLU A 76 10.61 -21.87 9.53
N VAL A 77 9.45 -22.52 9.35
CA VAL A 77 8.41 -22.17 8.33
C VAL A 77 8.02 -20.69 8.54
N ALA A 78 7.68 -20.31 9.77
CA ALA A 78 7.29 -18.93 10.16
C ALA A 78 8.44 -17.97 9.84
N ILE A 79 9.62 -18.19 10.41
CA ILE A 79 10.80 -17.30 10.23
C ILE A 79 10.96 -17.00 8.73
N ARG A 80 11.08 -18.09 7.93
CA ARG A 80 11.33 -18.01 6.47
C ARG A 80 10.31 -17.04 5.85
N ILE A 81 9.03 -17.25 6.13
CA ILE A 81 7.89 -16.47 5.57
C ILE A 81 8.09 -14.97 5.89
N PHE A 82 8.44 -14.66 7.14
CA PHE A 82 8.61 -13.26 7.63
C PHE A 82 9.89 -12.65 7.02
N GLN A 83 10.87 -13.48 6.67
CA GLN A 83 12.15 -13.05 6.02
C GLN A 83 11.86 -12.60 4.57
N GLY A 84 10.93 -13.28 3.90
CA GLY A 84 10.40 -12.86 2.58
C GLY A 84 9.62 -11.56 2.66
N CYS A 85 8.77 -11.42 3.67
CA CYS A 85 7.93 -10.22 3.92
C CYS A 85 8.82 -9.02 4.24
N GLN A 86 9.94 -9.25 4.91
CA GLN A 86 10.97 -8.22 5.20
C GLN A 86 11.66 -7.85 3.89
N PHE A 87 12.00 -8.86 3.06
CA PHE A 87 12.69 -8.72 1.76
C PHE A 87 11.82 -7.93 0.78
N ARG A 88 10.59 -8.39 0.55
CA ARG A 88 9.64 -7.76 -0.41
C ARG A 88 9.32 -6.33 0.07
N SER A 89 9.21 -6.14 1.39
CA SER A 89 8.89 -4.83 2.02
C SER A 89 10.00 -3.82 1.71
N VAL A 90 11.24 -4.31 1.54
CA VAL A 90 12.42 -3.46 1.21
C VAL A 90 12.32 -3.02 -0.24
N GLU A 91 12.03 -3.95 -1.16
CA GLU A 91 11.90 -3.66 -2.62
C GLU A 91 10.64 -2.83 -2.85
N ALA A 92 9.61 -3.01 -2.01
CA ALA A 92 8.37 -2.21 -2.01
C ALA A 92 8.68 -0.76 -1.65
N VAL A 93 9.64 -0.54 -0.74
CA VAL A 93 10.07 0.83 -0.29
C VAL A 93 10.81 1.50 -1.44
N GLN A 94 11.67 0.77 -2.15
CA GLN A 94 12.34 1.25 -3.40
C GLN A 94 11.25 1.74 -4.35
N GLU A 95 10.31 0.87 -4.70
CA GLU A 95 9.20 1.17 -5.65
C GLU A 95 8.54 2.50 -5.24
N ILE A 96 8.16 2.63 -3.97
CA ILE A 96 7.35 3.78 -3.46
C ILE A 96 8.22 5.05 -3.46
N THR A 97 9.52 4.89 -3.24
CA THR A 97 10.53 5.99 -3.32
C THR A 97 10.55 6.58 -4.73
N GLU A 98 10.63 5.72 -5.74
CA GLU A 98 10.59 6.11 -7.18
C GLU A 98 9.34 6.97 -7.42
N TYR A 99 8.18 6.52 -6.93
CA TYR A 99 6.86 7.13 -7.23
C TYR A 99 6.80 8.52 -6.63
N ALA A 100 7.18 8.63 -5.36
CA ALA A 100 7.15 9.88 -4.58
C ALA A 100 7.95 10.95 -5.33
N LYS A 101 9.04 10.55 -6.00
CA LYS A 101 9.94 11.49 -6.73
C LYS A 101 9.15 12.13 -7.89
N SER A 102 8.14 11.44 -8.41
CA SER A 102 7.35 11.84 -9.60
C SER A 102 6.19 12.76 -9.18
N ILE A 103 5.91 12.86 -7.89
CA ILE A 103 4.81 13.74 -7.38
C ILE A 103 5.26 15.17 -7.52
N PRO A 104 4.66 15.95 -8.45
CA PRO A 104 5.11 17.32 -8.69
C PRO A 104 5.21 18.08 -7.36
N GLY A 105 6.41 18.59 -7.05
CA GLY A 105 6.68 19.44 -5.87
C GLY A 105 7.63 18.76 -4.89
N PHE A 106 7.61 17.43 -4.83
CA PHE A 106 8.04 16.61 -3.66
C PHE A 106 9.55 16.74 -3.46
N VAL A 107 10.31 16.91 -4.54
CA VAL A 107 11.81 17.00 -4.50
C VAL A 107 12.23 18.44 -4.20
N ASN A 108 11.27 19.36 -3.95
CA ASN A 108 11.53 20.81 -3.71
C ASN A 108 11.30 21.14 -2.21
N LEU A 109 11.17 20.11 -1.37
CA LEU A 109 11.03 20.25 0.10
C LEU A 109 12.38 19.91 0.74
N ASP A 110 12.68 20.49 1.90
CA ASP A 110 13.86 20.11 2.71
C ASP A 110 14.02 18.58 2.68
N LEU A 111 15.20 18.09 2.28
CA LEU A 111 15.47 16.64 2.13
C LEU A 111 15.07 15.92 3.42
N ASN A 112 15.27 16.58 4.58
CA ASN A 112 14.86 16.09 5.92
C ASN A 112 13.36 15.75 5.91
N ASP A 113 12.52 16.66 5.40
CA ASP A 113 11.05 16.50 5.35
C ASP A 113 10.71 15.31 4.43
N GLN A 114 11.39 15.21 3.27
CA GLN A 114 11.19 14.12 2.28
C GLN A 114 11.41 12.77 2.96
N VAL A 115 12.54 12.61 3.64
CA VAL A 115 12.90 11.35 4.38
C VAL A 115 11.78 11.08 5.40
N THR A 116 11.32 12.12 6.11
CA THR A 116 10.23 12.05 7.12
C THR A 116 8.95 11.52 6.46
N LEU A 117 8.42 12.27 5.49
CA LEU A 117 7.14 11.95 4.80
C LEU A 117 7.15 10.49 4.37
N LEU A 118 8.30 9.98 3.93
CA LEU A 118 8.48 8.58 3.46
C LEU A 118 8.68 7.64 4.66
N LYS A 119 9.38 8.11 5.69
CA LYS A 119 9.60 7.37 6.98
C LYS A 119 8.25 6.81 7.46
N TYR A 120 7.22 7.65 7.53
CA TYR A 120 5.90 7.34 8.16
C TYR A 120 4.92 6.87 7.07
N GLY A 121 5.31 6.95 5.80
CA GLY A 121 4.41 6.75 4.65
C GLY A 121 4.42 5.31 4.15
N VAL A 122 5.57 4.66 4.16
CA VAL A 122 5.82 3.42 3.37
C VAL A 122 4.85 2.34 3.85
N HIS A 123 4.72 2.14 5.17
CA HIS A 123 3.90 1.07 5.78
C HIS A 123 2.42 1.28 5.41
N GLU A 124 1.95 2.52 5.39
CA GLU A 124 0.54 2.84 4.99
C GLU A 124 0.34 2.47 3.52
N ILE A 125 1.28 2.82 2.65
CA ILE A 125 1.16 2.49 1.19
C ILE A 125 1.20 0.97 1.04
N ILE A 126 2.16 0.33 1.71
CA ILE A 126 2.36 -1.13 1.65
C ILE A 126 1.03 -1.80 1.93
N TYR A 127 0.35 -1.39 3.01
CA TYR A 127 -0.94 -1.99 3.46
C TYR A 127 -2.01 -1.64 2.43
N THR A 128 -1.94 -0.45 1.87
CA THR A 128 -2.90 0.03 0.82
C THR A 128 -2.75 -0.86 -0.41
N MET A 129 -1.55 -1.01 -0.90
CA MET A 129 -1.29 -1.73 -2.16
C MET A 129 -1.41 -3.25 -1.94
N LEU A 130 -1.12 -3.72 -0.73
CA LEU A 130 -1.26 -5.16 -0.36
C LEU A 130 -2.71 -5.61 -0.61
N ALA A 131 -3.67 -4.72 -0.38
CA ALA A 131 -5.10 -4.99 -0.56
C ALA A 131 -5.37 -5.34 -2.01
N SER A 132 -4.64 -4.71 -2.93
CA SER A 132 -4.72 -4.96 -4.38
C SER A 132 -4.41 -6.45 -4.68
N LEU A 133 -3.59 -7.10 -3.85
CA LEU A 133 -3.06 -8.47 -4.07
C LEU A 133 -3.93 -9.52 -3.33
N MET A 134 -5.03 -9.09 -2.70
CA MET A 134 -5.80 -9.89 -1.72
C MET A 134 -7.19 -10.13 -2.24
N ASN A 135 -7.73 -11.31 -1.95
CA ASN A 135 -9.17 -11.58 -2.00
C ASN A 135 -9.56 -12.19 -0.68
N LYS A 136 -10.80 -12.63 -0.54
CA LYS A 136 -11.30 -13.30 0.69
C LYS A 136 -10.34 -14.43 1.10
N ASP A 137 -9.69 -15.08 0.15
CA ASP A 137 -9.05 -16.41 0.33
C ASP A 137 -7.58 -16.24 0.70
N GLY A 138 -6.90 -15.18 0.22
CA GLY A 138 -5.45 -14.98 0.52
C GLY A 138 -4.80 -13.90 -0.32
N VAL A 139 -3.47 -13.94 -0.41
CA VAL A 139 -2.63 -12.84 -0.94
C VAL A 139 -1.66 -13.41 -1.99
N LEU A 140 -1.50 -12.69 -3.10
CA LEU A 140 -0.39 -12.90 -4.07
C LEU A 140 0.93 -12.46 -3.42
N ILE A 141 1.94 -13.31 -3.56
CA ILE A 141 3.33 -13.08 -3.08
C ILE A 141 4.28 -13.25 -4.26
N SER A 142 5.55 -12.86 -4.09
CA SER A 142 6.65 -12.97 -5.10
C SER A 142 6.14 -12.52 -6.48
N GLU A 143 5.69 -11.27 -6.59
CA GLU A 143 5.11 -10.64 -7.82
C GLU A 143 4.30 -11.70 -8.59
N GLY A 144 3.41 -12.40 -7.91
CA GLY A 144 2.22 -13.05 -8.52
C GLY A 144 2.48 -14.50 -8.85
N GLN A 145 3.66 -15.00 -8.49
CA GLN A 145 4.12 -16.38 -8.78
C GLN A 145 3.54 -17.32 -7.73
N GLY A 146 3.24 -16.80 -6.53
CA GLY A 146 2.64 -17.56 -5.42
C GLY A 146 1.32 -16.97 -4.98
N PHE A 147 0.54 -17.74 -4.23
CA PHE A 147 -0.67 -17.28 -3.52
C PHE A 147 -0.74 -18.04 -2.20
N MET A 148 -0.70 -17.30 -1.09
CA MET A 148 -0.65 -17.83 0.28
C MET A 148 -1.98 -17.50 0.98
N THR A 149 -2.67 -18.50 1.51
CA THR A 149 -4.05 -18.36 2.00
C THR A 149 -4.05 -17.63 3.33
N ARG A 150 -5.20 -17.06 3.67
CA ARG A 150 -5.44 -16.31 4.91
C ARG A 150 -5.33 -17.28 6.06
N GLU A 151 -5.86 -18.48 5.90
CA GLU A 151 -6.05 -19.47 6.99
C GLU A 151 -4.71 -20.12 7.33
N PHE A 152 -3.87 -20.31 6.32
CA PHE A 152 -2.50 -20.83 6.49
C PHE A 152 -1.68 -19.83 7.31
N LEU A 153 -1.68 -18.57 6.90
CA LEU A 153 -0.95 -17.48 7.60
C LEU A 153 -1.44 -17.43 9.06
N LYS A 154 -2.75 -17.49 9.25
CA LYS A 154 -3.43 -17.49 10.57
C LYS A 154 -2.90 -18.63 11.43
N SER A 155 -2.61 -19.78 10.84
CA SER A 155 -2.33 -21.06 11.52
C SER A 155 -0.87 -21.11 11.98
N LEU A 156 -0.04 -20.16 11.56
CA LEU A 156 1.41 -20.10 11.92
C LEU A 156 1.54 -19.90 13.43
N ARG A 157 2.65 -20.37 13.99
CA ARG A 157 2.98 -20.30 15.44
C ARG A 157 2.78 -18.86 15.93
N LYS A 158 2.03 -18.70 17.03
CA LYS A 158 1.96 -17.44 17.82
C LYS A 158 3.38 -17.02 18.18
N PRO A 159 3.75 -15.72 18.02
CA PRO A 159 2.79 -14.65 17.74
C PRO A 159 2.72 -14.21 16.26
N PHE A 160 3.45 -14.88 15.37
CA PHE A 160 3.50 -14.58 13.92
C PHE A 160 2.17 -14.95 13.27
N GLY A 161 1.40 -15.82 13.96
CA GLY A 161 0.18 -16.46 13.42
C GLY A 161 -0.91 -15.46 13.09
N ASP A 162 -0.84 -14.25 13.63
CA ASP A 162 -1.96 -13.26 13.62
C ASP A 162 -1.45 -11.95 13.01
N PHE A 163 -0.44 -12.06 12.14
CA PHE A 163 0.46 -10.98 11.68
C PHE A 163 -0.17 -10.29 10.44
N MET A 164 -1.00 -11.02 9.70
CA MET A 164 -1.62 -10.55 8.43
C MET A 164 -3.12 -10.26 8.64
N GLU A 165 -3.76 -10.96 9.58
CA GLU A 165 -5.21 -10.86 9.86
C GLU A 165 -5.64 -9.39 9.81
N PRO A 166 -4.94 -8.48 10.51
CA PRO A 166 -5.32 -7.09 10.47
C PRO A 166 -5.36 -6.56 9.03
N LYS A 167 -4.36 -6.95 8.22
CA LYS A 167 -4.26 -6.57 6.78
C LYS A 167 -5.50 -7.09 6.04
N PHE A 168 -5.81 -8.36 6.18
CA PHE A 168 -6.95 -9.00 5.50
C PHE A 168 -8.22 -8.27 5.89
N GLU A 169 -8.37 -7.93 7.18
CA GLU A 169 -9.55 -7.19 7.71
C GLU A 169 -9.62 -5.82 7.03
N PHE A 170 -8.52 -5.10 7.00
CA PHE A 170 -8.45 -3.82 6.33
C PHE A 170 -8.85 -4.00 4.86
N ALA A 171 -8.18 -4.93 4.18
CA ALA A 171 -8.33 -5.16 2.73
C ALA A 171 -9.80 -5.44 2.37
N VAL A 172 -10.49 -6.24 3.15
CA VAL A 172 -11.90 -6.64 2.87
C VAL A 172 -12.73 -5.37 2.70
N LYS A 173 -12.68 -4.47 3.68
CA LYS A 173 -13.46 -3.23 3.69
C LYS A 173 -12.88 -2.24 2.65
N PHE A 174 -11.57 -2.20 2.49
CA PHE A 174 -10.91 -1.30 1.49
C PHE A 174 -11.31 -1.72 0.05
N ASN A 175 -11.27 -3.02 -0.23
CA ASN A 175 -11.56 -3.60 -1.57
C ASN A 175 -13.03 -3.42 -1.94
N ALA A 176 -13.91 -3.27 -0.96
CA ALA A 176 -15.35 -3.05 -1.16
C ALA A 176 -15.60 -1.62 -1.73
N LEU A 177 -14.67 -0.68 -1.53
CA LEU A 177 -14.71 0.67 -2.15
C LEU A 177 -14.52 0.57 -3.68
N GLU A 178 -13.83 -0.47 -4.16
CA GLU A 178 -13.67 -0.80 -5.60
C GLU A 178 -12.89 0.29 -6.30
N LEU A 179 -11.76 0.69 -5.75
CA LEU A 179 -10.84 1.64 -6.42
C LEU A 179 -10.08 0.90 -7.51
N ASP A 180 -9.69 1.62 -8.57
CA ASP A 180 -8.77 1.10 -9.61
C ASP A 180 -7.43 1.83 -9.47
N ASP A 181 -6.48 1.50 -10.34
CA ASP A 181 -5.09 1.99 -10.26
C ASP A 181 -5.08 3.52 -10.35
N SER A 182 -5.95 4.10 -11.18
CA SER A 182 -6.07 5.57 -11.37
C SER A 182 -6.41 6.23 -10.04
N ASP A 183 -7.41 5.70 -9.35
CA ASP A 183 -7.85 6.17 -8.02
C ASP A 183 -6.67 6.04 -7.06
N LEU A 184 -6.02 4.85 -7.00
CA LEU A 184 -5.03 4.53 -5.92
C LEU A 184 -3.80 5.44 -6.09
N ALA A 185 -3.40 5.76 -7.34
CA ALA A 185 -2.23 6.61 -7.64
C ALA A 185 -2.35 7.92 -6.89
N ILE A 186 -3.52 8.54 -6.94
CA ILE A 186 -3.73 9.87 -6.31
C ILE A 186 -3.84 9.65 -4.81
N PHE A 187 -4.55 8.60 -4.38
CA PHE A 187 -4.73 8.27 -2.97
C PHE A 187 -3.37 8.11 -2.30
N ILE A 188 -2.48 7.36 -2.95
CA ILE A 188 -1.14 6.98 -2.43
C ILE A 188 -0.31 8.24 -2.29
N ALA A 189 -0.42 9.16 -3.26
CA ALA A 189 0.23 10.51 -3.25
C ALA A 189 -0.30 11.34 -2.07
N VAL A 190 -1.60 11.30 -1.82
CA VAL A 190 -2.22 12.06 -0.72
C VAL A 190 -1.63 11.57 0.62
N ILE A 191 -1.32 10.27 0.73
CA ILE A 191 -0.78 9.66 1.97
C ILE A 191 0.65 10.16 2.20
N ILE A 192 1.51 10.12 1.17
CA ILE A 192 2.95 10.49 1.27
C ILE A 192 3.06 11.96 1.71
N LEU A 193 2.17 12.84 1.19
CA LEU A 193 2.17 14.31 1.47
C LEU A 193 1.29 14.62 2.69
N SER A 194 1.45 13.85 3.75
CA SER A 194 0.70 14.02 5.03
C SER A 194 1.42 15.04 5.91
N GLY A 195 0.71 16.10 6.32
CA GLY A 195 1.29 17.31 6.93
C GLY A 195 1.42 17.21 8.45
N ASP A 196 1.12 16.04 9.02
CA ASP A 196 1.04 15.85 10.50
C ASP A 196 2.15 14.89 10.98
N ARG A 197 3.08 14.51 10.09
CA ARG A 197 4.18 13.59 10.41
C ARG A 197 5.12 14.28 11.39
N PRO A 198 5.74 13.53 12.33
CA PRO A 198 6.72 14.12 13.27
C PRO A 198 7.97 14.65 12.57
N GLY A 199 8.42 15.86 12.95
CA GLY A 199 9.76 16.41 12.64
C GLY A 199 9.81 17.09 11.29
N LEU A 200 8.65 17.41 10.73
CA LEU A 200 8.53 18.22 9.49
C LEU A 200 9.00 19.64 9.81
N LEU A 201 9.85 20.21 8.94
CA LEU A 201 10.29 21.62 9.03
C LEU A 201 9.16 22.53 8.53
N ASN A 202 8.74 22.35 7.28
CA ASN A 202 7.71 23.18 6.61
C ASN A 202 6.47 22.35 6.33
N VAL A 203 5.44 22.51 7.16
CA VAL A 203 4.10 21.86 7.02
C VAL A 203 3.36 22.54 5.86
N LYS A 204 3.62 23.82 5.62
CA LYS A 204 2.86 24.65 4.64
C LYS A 204 3.03 24.06 3.24
N PRO A 205 4.27 23.98 2.70
CA PRO A 205 4.46 23.56 1.31
C PRO A 205 3.93 22.14 1.07
N ILE A 206 4.10 21.26 2.07
CA ILE A 206 3.56 19.87 2.08
C ILE A 206 2.04 19.94 1.99
N GLU A 207 1.39 20.61 2.93
CA GLU A 207 -0.09 20.70 2.97
C GLU A 207 -0.58 21.30 1.65
N ASP A 208 0.19 22.23 1.09
CA ASP A 208 -0.20 22.97 -0.15
C ASP A 208 -0.33 21.98 -1.29
N ILE A 209 0.68 21.11 -1.47
CA ILE A 209 0.67 20.05 -2.51
C ILE A 209 -0.49 19.08 -2.24
N GLN A 210 -0.67 18.67 -0.96
CA GLN A 210 -1.70 17.67 -0.57
C GLN A 210 -3.09 18.20 -0.93
N ASP A 211 -3.32 19.51 -0.76
CA ASP A 211 -4.62 20.16 -1.04
C ASP A 211 -4.93 20.03 -2.53
N ASN A 212 -3.93 20.23 -3.38
CA ASN A 212 -4.07 20.06 -4.84
C ASN A 212 -4.33 18.58 -5.16
N LEU A 213 -3.59 17.68 -4.53
CA LEU A 213 -3.80 16.21 -4.67
C LEU A 213 -5.23 15.85 -4.22
N LEU A 214 -5.69 16.40 -3.08
CA LEU A 214 -7.05 16.15 -2.55
C LEU A 214 -8.10 16.67 -3.53
N GLN A 215 -7.85 17.82 -4.16
CA GLN A 215 -8.71 18.33 -5.28
C GLN A 215 -8.70 17.33 -6.46
N ALA A 216 -7.56 16.78 -6.82
CA ALA A 216 -7.44 15.84 -7.97
C ALA A 216 -8.14 14.51 -7.63
N LEU A 217 -7.96 14.02 -6.42
CA LEU A 217 -8.65 12.79 -5.93
C LEU A 217 -10.18 12.98 -6.06
N GLU A 218 -10.71 14.06 -5.48
CA GLU A 218 -12.15 14.35 -5.41
C GLU A 218 -12.74 14.33 -6.82
N LEU A 219 -12.11 15.05 -7.75
CA LEU A 219 -12.55 15.11 -9.17
C LEU A 219 -12.42 13.73 -9.80
N GLN A 220 -11.35 13.01 -9.47
CA GLN A 220 -11.13 11.62 -9.93
C GLN A 220 -12.29 10.73 -9.44
N LEU A 221 -12.64 10.77 -8.15
CA LEU A 221 -13.67 9.86 -7.57
C LEU A 221 -15.06 10.21 -8.13
N LYS A 222 -15.36 11.49 -8.33
CA LYS A 222 -16.65 11.93 -8.94
C LYS A 222 -16.74 11.39 -10.37
N LEU A 223 -15.67 11.52 -11.15
CA LEU A 223 -15.63 11.11 -12.58
C LEU A 223 -15.69 9.59 -12.68
N ASN A 224 -14.97 8.90 -11.82
CA ASN A 224 -14.66 7.46 -11.95
C ASN A 224 -15.71 6.61 -11.22
N HIS A 225 -16.40 7.15 -10.22
CA HIS A 225 -17.41 6.40 -9.40
C HIS A 225 -18.73 7.15 -9.35
N PRO A 226 -19.46 7.20 -10.48
CA PRO A 226 -20.69 8.00 -10.58
C PRO A 226 -21.72 7.71 -9.46
N GLU A 227 -21.89 6.45 -9.08
CA GLU A 227 -23.04 6.04 -8.22
C GLU A 227 -22.50 5.54 -6.87
N SER A 228 -21.71 6.36 -6.20
CA SER A 228 -20.83 5.93 -5.10
C SER A 228 -20.76 7.03 -4.03
N SER A 229 -21.67 6.95 -3.04
CA SER A 229 -21.98 8.04 -2.09
C SER A 229 -20.81 8.25 -1.12
N GLN A 230 -20.31 9.47 -1.03
CA GLN A 230 -19.33 9.87 0.01
C GLN A 230 -18.06 9.01 -0.13
N LEU A 231 -17.74 8.57 -1.35
CA LEU A 231 -16.54 7.74 -1.61
C LEU A 231 -15.30 8.52 -1.18
N PHE A 232 -15.31 9.82 -1.38
CA PHE A 232 -14.21 10.74 -1.00
C PHE A 232 -13.99 10.64 0.52
N ALA A 233 -15.06 10.85 1.28
CA ALA A 233 -15.03 10.88 2.76
C ALA A 233 -14.55 9.53 3.27
N LYS A 234 -15.12 8.46 2.74
CA LYS A 234 -14.79 7.06 3.11
C LYS A 234 -13.32 6.78 2.86
N LEU A 235 -12.78 7.26 1.77
CA LEU A 235 -11.37 7.09 1.43
C LEU A 235 -10.51 7.83 2.46
N LEU A 236 -10.85 9.08 2.80
CA LEU A 236 -10.08 9.88 3.79
C LEU A 236 -10.15 9.19 5.15
N GLN A 237 -11.25 8.54 5.47
CA GLN A 237 -11.39 7.81 6.74
C GLN A 237 -10.43 6.60 6.74
N LYS A 238 -10.15 6.01 5.57
CA LYS A 238 -9.18 4.90 5.45
C LYS A 238 -7.80 5.35 5.92
N MET A 239 -7.45 6.62 5.71
CA MET A 239 -6.13 7.17 6.19
C MET A 239 -6.06 7.07 7.71
N THR A 240 -7.21 7.00 8.36
CA THR A 240 -7.32 6.81 9.82
C THR A 240 -7.12 5.33 10.15
N ASP A 241 -7.82 4.41 9.47
CA ASP A 241 -7.65 2.95 9.65
C ASP A 241 -6.15 2.58 9.53
N LEU A 242 -5.42 3.20 8.58
CA LEU A 242 -4.03 2.83 8.22
C LEU A 242 -3.08 3.18 9.37
N ARG A 243 -3.20 4.39 9.93
CA ARG A 243 -2.43 4.81 11.12
C ARG A 243 -2.55 3.73 12.19
N GLN A 244 -3.75 3.27 12.44
CA GLN A 244 -4.09 2.32 13.53
C GLN A 244 -3.41 0.99 13.22
N ILE A 245 -3.49 0.55 11.98
CA ILE A 245 -2.91 -0.72 11.51
C ILE A 245 -1.40 -0.68 11.71
N VAL A 246 -0.75 0.42 11.34
CA VAL A 246 0.74 0.62 11.43
C VAL A 246 1.17 0.59 12.91
N THR A 247 0.44 1.26 13.79
CA THR A 247 0.68 1.22 15.24
C THR A 247 0.63 -0.23 15.74
N GLU A 248 -0.33 -1.02 15.27
CA GLU A 248 -0.60 -2.38 15.78
C GLU A 248 0.45 -3.36 15.25
N HIS A 249 0.98 -3.09 14.07
CA HIS A 249 2.17 -3.80 13.54
C HIS A 249 3.37 -3.52 14.45
N VAL A 250 3.66 -2.25 14.71
CA VAL A 250 4.81 -1.81 15.55
C VAL A 250 4.73 -2.52 16.92
N GLN A 251 3.56 -2.51 17.55
CA GLN A 251 3.30 -3.20 18.85
C GLN A 251 3.71 -4.67 18.71
N LEU A 252 3.32 -5.30 17.58
CA LEU A 252 3.59 -6.74 17.28
C LEU A 252 5.09 -6.99 17.14
N LEU A 253 5.85 -5.98 16.63
CA LEU A 253 7.32 -6.09 16.38
C LEU A 253 8.09 -5.73 17.65
N GLN A 254 7.59 -4.77 18.45
CA GLN A 254 8.01 -4.51 19.85
C GLN A 254 8.02 -5.84 20.63
N VAL A 255 7.12 -6.76 20.28
CA VAL A 255 7.04 -8.15 20.84
C VAL A 255 8.23 -8.97 20.29
N ILE A 256 8.25 -9.24 18.98
CA ILE A 256 9.27 -10.14 18.31
C ILE A 256 10.66 -9.82 18.87
N LYS A 257 10.94 -8.54 19.15
CA LYS A 257 12.20 -8.03 19.78
C LYS A 257 12.57 -8.94 20.96
N LYS A 258 11.63 -9.17 21.88
CA LYS A 258 11.84 -9.95 23.12
C LYS A 258 11.75 -11.45 22.80
N THR A 259 10.83 -11.84 21.90
CA THR A 259 10.64 -13.24 21.42
C THR A 259 11.91 -13.72 20.72
N GLU A 260 12.23 -13.15 19.56
CA GLU A 260 13.25 -13.67 18.60
C GLU A 260 14.36 -12.63 18.41
N LEU A 265 15.18 -7.72 12.08
CA LEU A 265 14.62 -7.06 10.85
C LEU A 265 15.78 -6.74 9.89
N HIS A 266 15.58 -5.77 8.98
CA HIS A 266 16.54 -5.39 7.91
C HIS A 266 17.03 -3.96 8.14
N PRO A 267 18.36 -3.68 7.98
CA PRO A 267 18.92 -2.34 8.18
C PRO A 267 17.97 -1.16 7.88
N LEU A 268 17.41 -1.09 6.65
CA LEU A 268 16.58 0.06 6.17
C LEU A 268 15.23 0.08 6.90
N LEU A 269 14.68 -1.10 7.22
CA LEU A 269 13.46 -1.25 8.07
C LEU A 269 13.76 -0.78 9.49
N GLN A 270 15.00 -1.01 9.98
CA GLN A 270 15.49 -0.56 11.32
C GLN A 270 15.57 0.97 11.35
N GLU A 271 15.99 1.59 10.25
CA GLU A 271 16.09 3.07 10.09
C GLU A 271 14.68 3.68 10.22
N ILE A 272 13.67 2.98 9.70
CA ILE A 272 12.24 3.44 9.63
C ILE A 272 11.58 3.22 10.99
N TYR A 273 11.90 2.11 11.66
CA TYR A 273 11.29 1.70 12.96
C TYR A 273 11.84 2.58 14.09
N LYS A 274 13.08 3.08 13.95
CA LYS A 274 13.75 4.01 14.91
C LYS A 274 12.99 5.34 14.94
N ASP A 275 12.98 6.02 16.10
CA ASP A 275 12.36 7.36 16.30
C ASP A 275 10.86 7.26 15.99
C1 5IV B . 6.67 -12.52 -0.08
C2 5IV B . 6.22 -13.60 0.69
C3 5IV B . 6.98 -14.75 0.85
C4 5IV B . 8.23 -14.80 0.24
C5 5IV B . 8.92 -17.23 0.55
C6 5IV B . 8.58 -18.08 -0.65
O1 5IV B . 6.04 -7.35 6.51
O2 5IV B . 4.26 -6.74 8.17
S 5IV B . 4.78 -6.74 6.82
C22 5IV B . 4.77 -5.08 6.16
C24 5IV B . 4.79 -3.91 7.08
C23 5IV B . 5.99 -4.22 6.26
N2 5IV B . 3.64 -7.45 5.90
C21 5IV B . 3.87 -7.97 4.57
C20 5IV B . 3.30 -9.18 4.22
C18 5IV B . 3.42 -9.68 2.92
C19 5IV B . 2.61 -10.92 2.60
F3 5IV B . 1.69 -11.20 3.54
F2 5IV B . 1.95 -10.80 1.45
F1 5IV B . 3.38 -12.02 2.47
C25 5IV B . 4.56 -7.24 3.63
C26 5IV B . 4.72 -7.73 2.35
C17 5IV B . 4.17 -8.96 1.97
C16 5IV B . 4.46 -9.53 0.61
N1 5IV B . 5.12 -10.84 0.67
C 5IV B . 5.77 -11.36 -0.38
O 5IV B . 5.63 -10.95 -1.52
C15 5IV B . 7.96 -12.56 -0.65
C14 5IV B . 8.75 -13.71 -0.47
C13 5IV B . 10.04 -14.09 -0.93
C12 5IV B . 10.26 -15.35 -0.51
N 5IV B . 9.15 -15.83 0.17
C11 5IV B . 7.32 -18.64 -0.79
C10 5IV B . 6.93 -19.24 -1.99
C9 5IV B . 7.81 -19.30 -3.06
C8 5IV B . 9.05 -18.78 -2.89
F 5IV B . 9.93 -18.81 -3.94
C7 5IV B . 9.48 -18.19 -1.72
S SO4 C . -21.27 20.40 -7.38
O1 SO4 C . -21.19 21.59 -6.58
O2 SO4 C . -22.20 19.47 -6.75
O3 SO4 C . -21.76 20.73 -8.68
O4 SO4 C . -19.99 19.78 -7.48
C1 EDO D . -13.35 17.05 -16.05
O1 EDO D . -12.27 17.94 -16.31
C2 EDO D . -13.63 16.08 -17.16
O2 EDO D . -12.53 15.87 -18.07
C1 EDO E . 2.97 -4.55 -6.01
O1 EDO E . 3.30 -3.65 -7.08
C2 EDO E . 2.09 -3.93 -4.97
O2 EDO E . 0.72 -3.82 -5.38
C1 EDO F . -11.98 -5.10 -5.84
O1 EDO F . -11.78 -3.82 -5.19
C2 EDO F . -11.06 -6.17 -5.33
O2 EDO F . -11.74 -7.31 -4.85
C1 EDO G . -13.19 23.94 -2.97
O1 EDO G . -13.89 24.11 -1.73
C2 EDO G . -12.35 22.73 -2.99
O2 EDO G . -11.93 22.36 -4.28
C1 EDO H . -13.73 -11.61 -2.68
O1 EDO H . -13.32 -12.95 -2.64
C2 EDO H . -12.97 -10.81 -3.65
O2 EDO H . -12.98 -11.37 -4.95
C1 EDO I . -8.49 8.39 -15.00
O1 EDO I . -7.69 8.78 -13.88
C2 EDO I . -9.78 7.72 -14.66
O2 EDO I . -9.59 6.44 -14.11
#